data_4RVT
#
_entry.id   4RVT
#
_cell.length_a   79.990
_cell.length_b   90.250
_cell.length_c   90.970
_cell.angle_alpha   90.000
_cell.angle_beta   90.000
_cell.angle_gamma   90.000
#
_symmetry.space_group_name_H-M   'P 21 21 21'
#
loop_
_entity.id
_entity.type
_entity.pdbx_description
1 polymer 'Mitogen-activated protein kinase kinase kinase kinase 4'
2 non-polymer 3-hexanoyl-4-hydroxy-5-(4-hydroxyphenyl)pyridin-2(1H)-one
3 non-polymer '2-(N-MORPHOLINO)-ETHANESULFONIC ACID'
4 water water
#
_entity_poly.entity_id   1
_entity_poly.type   'polypeptide(L)'
_entity_poly.pdbx_seq_one_letter_code
;GSHMANDSPAKSLVDIDLSSLRDPAGIFELVEVVGNGTYGQVYKGRHVKTGQLAAIKVMDVTEDEEEEIKLEINMLKKYS
HHRNIATYYGAFIKKSPPGHDDQLWLVMEFCGAGSITDLVKNTKGNTLKEDWIAYISREILRGLAHLHIHHVIHRDIKGQ
NVLLTENAEVKLVDFGVSAQLDRTVGRRNTFIGTPYWMAPEVIACDENPDATYDYRSDLWSCGITAIEMAEGAPPLCDMH
PMRALFLIPRNPPPRLKSKKWSKKFFSFIEGCLVKNYMQRPSTEQLLKHPFIRDQPNERQVRIQLKDHIDRTRKKRGEKD
ETEYEYSG
;
_entity_poly.pdbx_strand_id   A,B
#
# COMPACT_ATOMS: atom_id res chain seq x y z
N ASP A 17 -16.32 -8.63 24.29
CA ASP A 17 -16.68 -8.91 22.87
C ASP A 17 -15.56 -9.61 22.11
N LEU A 18 -14.57 -8.84 21.67
CA LEU A 18 -13.39 -9.36 20.97
C LEU A 18 -12.86 -10.67 21.60
N SER A 19 -12.84 -10.72 22.92
CA SER A 19 -12.39 -11.89 23.67
C SER A 19 -13.38 -13.07 23.64
N SER A 20 -14.56 -12.86 23.08
CA SER A 20 -15.58 -13.92 22.97
C SER A 20 -15.71 -14.50 21.53
N LEU A 21 -14.96 -13.96 20.59
CA LEU A 21 -14.97 -14.46 19.21
C LEU A 21 -14.19 -15.78 19.11
N ARG A 22 -14.86 -16.82 18.65
CA ARG A 22 -14.28 -18.16 18.61
C ARG A 22 -13.12 -18.30 17.61
N ASP A 23 -12.35 -19.37 17.76
CA ASP A 23 -11.36 -19.78 16.78
C ASP A 23 -12.11 -20.24 15.54
N PRO A 24 -11.64 -19.90 14.33
CA PRO A 24 -12.36 -20.31 13.12
C PRO A 24 -12.22 -21.78 12.74
N ALA A 25 -11.26 -22.50 13.33
CA ALA A 25 -10.96 -23.89 12.96
C ALA A 25 -12.21 -24.76 12.95
N GLY A 26 -12.41 -25.48 11.85
CA GLY A 26 -13.59 -26.31 11.68
C GLY A 26 -14.84 -25.56 11.23
N ILE A 27 -14.73 -24.24 11.07
CA ILE A 27 -15.88 -23.39 10.70
C ILE A 27 -15.65 -22.66 9.36
N PHE A 28 -14.55 -21.91 9.27
CA PHE A 28 -14.11 -21.39 7.98
C PHE A 28 -12.67 -21.74 7.77
N GLU A 29 -12.33 -22.06 6.53
CA GLU A 29 -10.96 -22.26 6.18
C GLU A 29 -10.61 -21.28 5.07
N LEU A 30 -9.32 -20.96 4.95
CA LEU A 30 -8.84 -20.09 3.90
C LEU A 30 -8.52 -20.91 2.64
N VAL A 31 -8.93 -20.41 1.48
CA VAL A 31 -8.61 -21.07 0.23
C VAL A 31 -7.42 -20.37 -0.45
N GLU A 32 -7.51 -19.04 -0.62
CA GLU A 32 -6.43 -18.25 -1.27
C GLU A 32 -6.70 -16.76 -1.22
N VAL A 33 -5.63 -15.96 -1.39
CA VAL A 33 -5.75 -14.49 -1.51
C VAL A 33 -6.47 -14.10 -2.80
N VAL A 34 -7.43 -13.20 -2.69
CA VAL A 34 -8.12 -12.66 -3.86
C VAL A 34 -7.72 -11.20 -4.10
N GLY A 35 -7.85 -10.77 -5.35
CA GLY A 35 -7.53 -9.40 -5.76
C GLY A 35 -6.06 -9.09 -5.89
N ASN A 36 -5.22 -10.11 -5.69
CA ASN A 36 -3.75 -9.99 -5.79
C ASN A 36 -3.16 -8.68 -5.23
N GLY A 37 -3.66 -8.26 -4.07
CA GLY A 37 -3.09 -7.12 -3.38
C GLY A 37 -3.96 -5.89 -3.21
N THR A 38 -4.94 -5.69 -4.09
CA THR A 38 -5.74 -4.46 -4.07
C THR A 38 -6.49 -4.27 -2.74
N TYR A 39 -6.78 -5.38 -2.04
CA TYR A 39 -7.53 -5.34 -0.79
C TYR A 39 -6.69 -5.65 0.44
N GLY A 40 -5.43 -6.02 0.22
CA GLY A 40 -4.57 -6.51 1.29
C GLY A 40 -4.86 -7.97 1.55
N GLN A 41 -4.81 -8.37 2.82
CA GLN A 41 -5.02 -9.75 3.22
C GLN A 41 -6.50 -10.16 3.21
N VAL A 42 -7.08 -10.24 2.01
CA VAL A 42 -8.43 -10.74 1.83
C VAL A 42 -8.41 -12.06 1.07
N TYR A 43 -8.91 -13.10 1.72
CA TYR A 43 -8.92 -14.45 1.16
C TYR A 43 -10.32 -14.87 0.72
N LYS A 44 -10.35 -15.63 -0.36
CA LYS A 44 -11.46 -16.53 -0.63
C LYS A 44 -11.41 -17.59 0.47
N GLY A 45 -12.47 -17.66 1.27
CA GLY A 45 -12.60 -18.73 2.25
C GLY A 45 -13.81 -19.61 1.96
N ARG A 46 -13.88 -20.76 2.62
CA ARG A 46 -15.10 -21.57 2.54
C ARG A 46 -15.66 -21.99 3.91
N HIS A 47 -16.97 -21.98 4.00
CA HIS A 47 -17.65 -22.46 5.19
C HIS A 47 -17.52 -23.98 5.20
N VAL A 48 -16.78 -24.50 6.17
CA VAL A 48 -16.36 -25.90 6.19
C VAL A 48 -17.51 -26.88 5.98
N LYS A 49 -18.55 -26.76 6.78
CA LYS A 49 -19.67 -27.71 6.79
C LYS A 49 -20.55 -27.74 5.54
N THR A 50 -20.65 -26.60 4.86
CA THR A 50 -21.54 -26.50 3.69
C THR A 50 -20.77 -26.34 2.39
N GLY A 51 -19.55 -25.81 2.47
CA GLY A 51 -18.77 -25.53 1.27
C GLY A 51 -19.09 -24.19 0.62
N GLN A 52 -19.98 -23.41 1.23
CA GLN A 52 -20.26 -22.07 0.73
C GLN A 52 -19.04 -21.18 0.83
N LEU A 53 -18.89 -20.29 -0.14
CA LEU A 53 -17.74 -19.41 -0.20
C LEU A 53 -17.99 -18.15 0.61
N ALA A 54 -16.90 -17.57 1.12
CA ALA A 54 -16.93 -16.30 1.84
C ALA A 54 -15.61 -15.62 1.57
N ALA A 55 -15.62 -14.29 1.61
CA ALA A 55 -14.38 -13.54 1.59
C ALA A 55 -14.02 -13.22 3.01
N ILE A 56 -12.76 -13.46 3.34
CA ILE A 56 -12.27 -13.32 4.69
C ILE A 56 -11.09 -12.35 4.73
N LYS A 57 -11.25 -11.25 5.45
CA LYS A 57 -10.19 -10.29 5.69
C LYS A 57 -9.45 -10.65 6.96
N VAL A 58 -8.13 -10.80 6.85
CA VAL A 58 -7.28 -11.28 7.95
C VAL A 58 -6.32 -10.19 8.39
N MET A 59 -6.39 -9.83 9.67
CA MET A 59 -5.58 -8.74 10.22
C MET A 59 -4.92 -9.20 11.52
N ASP A 60 -3.64 -8.86 11.69
CA ASP A 60 -2.98 -8.96 12.99
C ASP A 60 -3.68 -8.02 13.96
N VAL A 61 -4.04 -8.52 15.14
CA VAL A 61 -4.70 -7.68 16.11
C VAL A 61 -3.70 -7.07 17.11
N THR A 62 -3.77 -5.74 17.21
CA THR A 62 -3.07 -4.94 18.22
C THR A 62 -3.85 -3.61 18.30
N GLU A 63 -4.64 -3.35 17.26
CA GLU A 63 -5.54 -2.22 17.18
C GLU A 63 -7.00 -2.68 17.32
N GLU A 68 -9.91 -2.36 20.96
CA GLU A 68 -11.17 -1.62 20.81
C GLU A 68 -11.36 -0.99 19.41
N ILE A 69 -10.91 -1.71 18.37
CA ILE A 69 -11.22 -1.34 16.97
C ILE A 69 -11.10 -2.52 15.96
N LYS A 70 -12.07 -3.45 15.91
CA LYS A 70 -13.23 -3.63 16.82
C LYS A 70 -14.43 -2.70 16.65
N LEU A 71 -14.28 -1.63 15.90
CA LEU A 71 -15.44 -0.80 15.55
C LEU A 71 -15.73 -0.87 14.06
N GLU A 72 -14.78 -1.41 13.31
CA GLU A 72 -15.00 -1.79 11.92
C GLU A 72 -16.14 -2.82 11.85
N ILE A 73 -16.18 -3.71 12.86
CA ILE A 73 -17.19 -4.75 12.96
C ILE A 73 -18.59 -4.19 13.22
N ASN A 74 -18.66 -3.19 14.10
CA ASN A 74 -19.94 -2.56 14.45
C ASN A 74 -20.55 -1.83 13.27
N MET A 75 -19.69 -1.25 12.45
CA MET A 75 -20.09 -0.62 11.20
C MET A 75 -20.70 -1.68 10.29
N LEU A 76 -19.89 -2.68 9.97
CA LEU A 76 -20.31 -3.81 9.12
C LEU A 76 -21.53 -4.55 9.63
N LYS A 77 -21.70 -4.58 10.95
CA LYS A 77 -22.86 -5.23 11.52
C LYS A 77 -24.11 -4.40 11.21
N LYS A 78 -24.06 -3.11 11.51
CA LYS A 78 -25.22 -2.24 11.32
C LYS A 78 -25.55 -1.94 9.84
N TYR A 79 -24.52 -1.78 9.01
CA TYR A 79 -24.70 -1.10 7.73
C TYR A 79 -24.56 -1.95 6.48
N SER A 80 -24.28 -3.25 6.65
CA SER A 80 -24.02 -4.11 5.50
C SER A 80 -25.22 -4.87 4.97
N HIS A 81 -26.37 -4.74 5.62
CA HIS A 81 -27.51 -5.60 5.28
C HIS A 81 -28.32 -5.19 4.05
N HIS A 82 -27.93 -4.05 3.48
CA HIS A 82 -28.45 -3.58 2.20
C HIS A 82 -27.96 -4.44 1.04
N ARG A 83 -28.82 -4.64 0.04
CA ARG A 83 -28.50 -5.52 -1.11
C ARG A 83 -27.36 -5.07 -2.02
N ASN A 84 -26.92 -3.82 -1.85
CA ASN A 84 -25.83 -3.26 -2.67
C ASN A 84 -24.56 -3.12 -1.83
N ILE A 85 -24.57 -3.75 -0.66
CA ILE A 85 -23.44 -3.78 0.24
C ILE A 85 -23.18 -5.24 0.57
N ALA A 86 -21.94 -5.69 0.39
CA ALA A 86 -21.61 -7.09 0.64
C ALA A 86 -21.90 -7.41 2.08
N THR A 87 -22.58 -8.53 2.32
CA THR A 87 -23.08 -8.84 3.66
C THR A 87 -21.97 -9.30 4.61
N TYR A 88 -21.99 -8.74 5.81
CA TYR A 88 -21.17 -9.20 6.92
C TYR A 88 -21.74 -10.48 7.53
N TYR A 89 -20.93 -11.53 7.64
CA TYR A 89 -21.37 -12.77 8.28
C TYR A 89 -21.00 -12.83 9.76
N GLY A 90 -19.71 -12.65 10.05
CA GLY A 90 -19.22 -12.80 11.41
C GLY A 90 -17.71 -12.67 11.53
N ALA A 91 -17.23 -12.81 12.76
CA ALA A 91 -15.81 -12.59 13.05
C ALA A 91 -15.25 -13.69 13.93
N PHE A 92 -13.97 -13.98 13.72
CA PHE A 92 -13.24 -14.99 14.46
C PHE A 92 -11.88 -14.47 14.85
N ILE A 93 -11.32 -15.07 15.90
CA ILE A 93 -9.96 -14.79 16.30
C ILE A 93 -9.19 -16.09 16.41
N LYS A 94 -8.09 -16.19 15.66
CA LYS A 94 -7.31 -17.40 15.62
C LYS A 94 -6.19 -17.34 16.66
N LYS A 95 -6.18 -18.33 17.55
CA LYS A 95 -5.16 -18.43 18.59
C LYS A 95 -3.76 -18.54 17.98
N SER A 96 -2.86 -17.67 18.42
CA SER A 96 -1.50 -17.65 17.93
C SER A 96 -0.54 -17.74 19.12
N PRO A 97 0.63 -18.40 18.94
CA PRO A 97 1.74 -18.56 19.90
C PRO A 97 1.89 -17.47 20.97
N PRO A 98 2.57 -17.78 22.11
CA PRO A 98 2.67 -16.98 23.33
C PRO A 98 2.42 -15.45 23.27
N GLY A 99 3.24 -14.64 22.56
CA GLY A 99 4.37 -15.09 21.74
C GLY A 99 4.26 -14.58 20.31
N HIS A 100 3.02 -14.29 19.88
CA HIS A 100 2.73 -13.83 18.53
C HIS A 100 1.36 -13.14 18.50
N ASP A 101 1.21 -12.19 17.58
CA ASP A 101 -0.05 -11.47 17.38
C ASP A 101 -1.18 -12.41 16.98
N ASP A 102 -2.31 -12.28 17.67
CA ASP A 102 -3.52 -13.01 17.28
C ASP A 102 -4.06 -12.47 15.96
N GLN A 103 -4.64 -13.37 15.15
CA GLN A 103 -5.26 -12.95 13.90
C GLN A 103 -6.77 -12.84 14.02
N LEU A 104 -7.31 -11.73 13.56
CA LEU A 104 -8.75 -11.59 13.44
C LEU A 104 -9.23 -11.81 11.99
N TRP A 105 -10.25 -12.65 11.86
CA TRP A 105 -10.89 -12.90 10.58
C TRP A 105 -12.22 -12.17 10.52
N LEU A 106 -12.39 -11.31 9.51
CA LEU A 106 -13.69 -10.71 9.20
C LEU A 106 -14.25 -11.43 7.99
N VAL A 107 -15.41 -12.05 8.17
CA VAL A 107 -15.97 -12.93 7.16
C VAL A 107 -17.19 -12.29 6.52
N MET A 108 -17.13 -12.19 5.20
CA MET A 108 -18.03 -11.37 4.42
C MET A 108 -18.59 -12.20 3.29
N GLU A 109 -19.67 -11.70 2.69
CA GLU A 109 -20.19 -12.24 1.46
C GLU A 109 -19.13 -12.27 0.37
N PHE A 110 -19.12 -13.38 -0.38
CA PHE A 110 -18.20 -13.57 -1.49
C PHE A 110 -18.90 -13.11 -2.75
N CYS A 111 -18.20 -12.32 -3.55
CA CYS A 111 -18.74 -11.81 -4.79
C CYS A 111 -17.92 -12.40 -5.94
N GLY A 112 -18.43 -13.50 -6.51
CA GLY A 112 -17.68 -14.34 -7.45
C GLY A 112 -17.17 -13.70 -8.74
N ALA A 113 -18.06 -12.96 -9.40
CA ALA A 113 -17.75 -12.33 -10.70
C ALA A 113 -16.57 -11.36 -10.64
N GLY A 114 -16.33 -10.76 -9.49
CA GLY A 114 -15.16 -9.90 -9.33
C GLY A 114 -15.49 -8.42 -9.42
N SER A 115 -14.46 -7.61 -9.67
CA SER A 115 -14.60 -6.15 -9.62
C SER A 115 -15.05 -5.56 -10.94
N ILE A 116 -15.62 -4.37 -10.91
CA ILE A 116 -16.03 -3.76 -12.16
C ILE A 116 -14.80 -3.28 -12.96
N THR A 117 -13.68 -3.07 -12.27
CA THR A 117 -12.41 -2.76 -12.95
C THR A 117 -12.02 -3.95 -13.81
N ASP A 118 -12.09 -5.15 -13.22
CA ASP A 118 -11.72 -6.38 -13.92
C ASP A 118 -12.63 -6.64 -15.12
N LEU A 119 -13.91 -6.36 -14.95
CA LEU A 119 -14.86 -6.53 -16.03
C LEU A 119 -14.46 -5.71 -17.24
N VAL A 120 -14.20 -4.41 -17.03
CA VAL A 120 -13.82 -3.53 -18.12
C VAL A 120 -12.46 -3.94 -18.68
N LYS A 121 -11.56 -4.39 -17.79
CA LYS A 121 -10.25 -4.88 -18.20
C LYS A 121 -10.34 -6.05 -19.19
N ASN A 122 -11.33 -6.92 -18.98
CA ASN A 122 -11.49 -8.13 -19.77
C ASN A 122 -12.43 -7.99 -20.96
N THR A 123 -13.14 -6.86 -21.03
CA THR A 123 -14.00 -6.58 -22.16
C THR A 123 -13.15 -6.10 -23.33
N LYS A 124 -13.58 -6.43 -24.55
CA LYS A 124 -12.89 -5.94 -25.76
C LYS A 124 -13.07 -4.42 -25.88
N GLY A 125 -11.98 -3.74 -26.19
CA GLY A 125 -11.97 -2.28 -26.31
C GLY A 125 -12.05 -1.54 -24.98
N ASN A 126 -11.82 -2.26 -23.88
CA ASN A 126 -11.81 -1.69 -22.51
C ASN A 126 -12.83 -0.59 -22.31
N THR A 127 -14.09 -0.94 -22.55
CA THR A 127 -15.21 -0.02 -22.47
C THR A 127 -16.49 -0.84 -22.31
N LEU A 128 -17.41 -0.36 -21.50
CA LEU A 128 -18.69 -1.03 -21.31
C LEU A 128 -19.79 -0.23 -22.00
N LYS A 129 -20.81 -0.93 -22.49
CA LYS A 129 -21.92 -0.30 -23.18
C LYS A 129 -22.61 0.68 -22.22
N GLU A 130 -22.99 1.85 -22.74
CA GLU A 130 -23.56 2.90 -21.92
C GLU A 130 -24.69 2.46 -20.95
N ASP A 131 -25.58 1.56 -21.38
CA ASP A 131 -26.62 1.13 -20.43
C ASP A 131 -26.18 0.17 -19.32
N TRP A 132 -25.02 -0.47 -19.50
CA TRP A 132 -24.35 -1.24 -18.44
C TRP A 132 -23.85 -0.26 -17.38
N ILE A 133 -23.24 0.83 -17.86
CA ILE A 133 -22.77 1.92 -17.00
C ILE A 133 -23.91 2.55 -16.20
N ALA A 134 -25.07 2.77 -16.84
CA ALA A 134 -26.22 3.33 -16.15
C ALA A 134 -26.72 2.40 -15.05
N TYR A 135 -26.78 1.11 -15.38
CA TYR A 135 -27.20 0.10 -14.42
C TYR A 135 -26.27 0.03 -13.22
N ILE A 136 -24.97 -0.04 -13.50
CA ILE A 136 -23.98 -0.20 -12.44
C ILE A 136 -23.90 1.08 -11.59
N SER A 137 -23.73 2.23 -12.24
CA SER A 137 -23.73 3.51 -11.53
C SER A 137 -24.92 3.66 -10.57
N ARG A 138 -26.10 3.22 -11.00
CA ARG A 138 -27.27 3.26 -10.12
C ARG A 138 -27.11 2.34 -8.90
N GLU A 139 -26.61 1.13 -9.14
CA GLU A 139 -26.39 0.22 -8.02
C GLU A 139 -25.43 0.80 -6.96
N ILE A 140 -24.33 1.40 -7.43
CA ILE A 140 -23.38 2.10 -6.56
C ILE A 140 -24.04 3.24 -5.78
N LEU A 141 -24.78 4.09 -6.48
CA LEU A 141 -25.48 5.19 -5.82
C LEU A 141 -26.50 4.69 -4.81
N ARG A 142 -27.13 3.56 -5.10
CA ARG A 142 -28.06 2.96 -4.15
C ARG A 142 -27.38 2.50 -2.86
N GLY A 143 -26.28 1.77 -3.01
CA GLY A 143 -25.45 1.41 -1.86
C GLY A 143 -24.97 2.65 -1.10
N LEU A 144 -24.51 3.65 -1.84
CA LEU A 144 -24.03 4.90 -1.22
C LEU A 144 -25.12 5.66 -0.48
N ALA A 145 -26.31 5.70 -1.06
CA ALA A 145 -27.48 6.29 -0.40
C ALA A 145 -27.70 5.66 0.97
N HIS A 146 -27.71 4.33 1.00
CA HIS A 146 -27.87 3.57 2.24
C HIS A 146 -26.83 3.98 3.28
N LEU A 147 -25.56 4.11 2.88
CA LEU A 147 -24.51 4.55 3.81
C LEU A 147 -24.70 5.99 4.25
N HIS A 148 -25.01 6.87 3.31
CA HIS A 148 -25.15 8.30 3.61
C HIS A 148 -26.31 8.62 4.55
N ILE A 149 -27.46 7.97 4.38
CA ILE A 149 -28.59 8.17 5.32
C ILE A 149 -28.24 7.72 6.74
N HIS A 150 -27.37 6.72 6.85
CA HIS A 150 -26.86 6.27 8.14
C HIS A 150 -25.59 7.02 8.55
N HIS A 151 -25.35 8.16 7.91
CA HIS A 151 -24.22 9.06 8.27
C HIS A 151 -22.83 8.43 8.08
N VAL A 152 -22.70 7.53 7.12
CA VAL A 152 -21.40 6.91 6.82
C VAL A 152 -20.94 7.29 5.41
N ILE A 153 -19.68 7.70 5.31
CA ILE A 153 -19.07 8.01 4.02
C ILE A 153 -18.18 6.83 3.70
N HIS A 154 -18.35 6.24 2.51
CA HIS A 154 -17.50 5.13 2.11
C HIS A 154 -16.03 5.51 2.03
N ARG A 155 -15.77 6.70 1.48
CA ARG A 155 -14.43 7.28 1.47
C ARG A 155 -13.41 6.63 0.54
N ASP A 156 -13.81 5.61 -0.21
CA ASP A 156 -12.89 4.92 -1.12
C ASP A 156 -13.62 4.19 -2.26
N ILE A 157 -14.57 4.88 -2.86
CA ILE A 157 -15.28 4.37 -4.02
C ILE A 157 -14.33 4.38 -5.19
N LYS A 158 -14.29 3.26 -5.90
CA LYS A 158 -13.45 3.07 -7.07
C LYS A 158 -13.86 1.72 -7.61
N GLY A 159 -13.60 1.46 -8.88
CA GLY A 159 -14.05 0.24 -9.53
C GLY A 159 -13.56 -1.06 -8.89
N GLN A 160 -12.48 -0.97 -8.13
CA GLN A 160 -11.92 -2.12 -7.46
C GLN A 160 -12.72 -2.43 -6.17
N ASN A 161 -13.46 -1.45 -5.65
CA ASN A 161 -14.33 -1.69 -4.51
C ASN A 161 -15.79 -1.92 -4.87
N VAL A 162 -16.07 -1.99 -6.16
CA VAL A 162 -17.41 -2.30 -6.60
C VAL A 162 -17.39 -3.69 -7.21
N LEU A 163 -18.14 -4.60 -6.58
CA LEU A 163 -18.05 -6.02 -6.91
C LEU A 163 -19.31 -6.58 -7.54
N LEU A 164 -19.12 -7.68 -8.25
CA LEU A 164 -20.21 -8.39 -8.93
C LEU A 164 -20.37 -9.82 -8.42
N THR A 165 -21.63 -10.23 -8.21
CA THR A 165 -21.95 -11.63 -7.87
C THR A 165 -22.15 -12.43 -9.14
N GLU A 166 -22.30 -13.75 -9.01
CA GLU A 166 -22.70 -14.61 -10.13
C GLU A 166 -24.08 -14.18 -10.64
N ASN A 167 -24.98 -13.85 -9.71
CA ASN A 167 -26.29 -13.30 -10.03
C ASN A 167 -26.25 -11.97 -10.80
N ALA A 168 -25.04 -11.50 -11.10
CA ALA A 168 -24.80 -10.17 -11.72
C ALA A 168 -25.31 -9.00 -10.86
N GLU A 169 -25.22 -9.16 -9.54
CA GLU A 169 -25.62 -8.13 -8.58
C GLU A 169 -24.42 -7.29 -8.18
N VAL A 170 -24.66 -6.02 -7.85
CA VAL A 170 -23.59 -5.05 -7.53
C VAL A 170 -23.47 -4.77 -6.02
N LYS A 171 -22.27 -4.96 -5.50
CA LYS A 171 -22.04 -4.83 -4.05
C LYS A 171 -20.82 -4.00 -3.71
N LEU A 172 -20.98 -3.06 -2.78
CA LEU A 172 -19.86 -2.22 -2.35
C LEU A 172 -19.14 -2.92 -1.22
N VAL A 173 -17.81 -2.95 -1.31
CA VAL A 173 -16.97 -3.50 -0.27
C VAL A 173 -16.02 -2.42 0.26
N ASP A 174 -15.42 -2.72 1.41
CA ASP A 174 -14.32 -1.94 2.00
C ASP A 174 -14.65 -0.49 2.34
N PHE A 175 -15.53 -0.28 3.32
CA PHE A 175 -15.87 1.07 3.76
C PHE A 175 -15.58 1.31 5.23
N GLY A 176 -15.80 2.55 5.66
CA GLY A 176 -15.56 2.99 7.03
C GLY A 176 -15.14 4.45 7.03
N VAL A 177 -15.70 5.23 7.96
CA VAL A 177 -15.45 6.68 8.21
C VAL A 177 -16.63 7.28 8.98
N ASN A 189 -5.93 4.17 8.63
CA ASN A 189 -4.75 3.31 8.65
C ASN A 189 -3.48 4.09 8.28
N THR A 190 -2.35 3.41 8.07
CA THR A 190 -1.08 4.09 7.87
C THR A 190 -0.64 4.25 6.43
N PHE A 191 -1.26 3.53 5.51
CA PHE A 191 -0.88 3.66 4.12
C PHE A 191 -1.98 4.35 3.33
N ILE A 192 -1.59 5.28 2.47
CA ILE A 192 -2.49 5.93 1.52
C ILE A 192 -2.60 5.05 0.26
N GLY A 193 -3.83 4.76 -0.17
CA GLY A 193 -4.08 3.95 -1.37
C GLY A 193 -3.92 4.74 -2.67
N THR A 194 -4.63 4.30 -3.70
CA THR A 194 -4.55 4.93 -5.01
C THR A 194 -5.37 6.21 -5.00
N PRO A 195 -4.83 7.32 -5.56
CA PRO A 195 -5.46 8.64 -5.48
C PRO A 195 -6.44 9.00 -6.62
N TYR A 196 -6.53 8.21 -7.68
CA TYR A 196 -7.17 8.66 -8.93
C TYR A 196 -8.68 8.90 -8.80
N TRP A 197 -9.30 8.30 -7.79
CA TRP A 197 -10.73 8.50 -7.56
C TRP A 197 -11.03 9.47 -6.45
N MET A 198 -10.01 10.05 -5.84
CA MET A 198 -10.25 10.99 -4.74
C MET A 198 -10.81 12.35 -5.22
N ALA A 199 -11.81 12.83 -4.48
CA ALA A 199 -12.38 14.15 -4.69
C ALA A 199 -11.36 15.26 -4.40
N PRO A 200 -11.50 16.41 -5.08
CA PRO A 200 -10.55 17.51 -4.86
C PRO A 200 -10.49 17.96 -3.41
N GLU A 201 -11.65 17.98 -2.73
CA GLU A 201 -11.74 18.52 -1.38
C GLU A 201 -11.08 17.66 -0.30
N VAL A 202 -10.93 16.36 -0.56
CA VAL A 202 -10.34 15.47 0.44
C VAL A 202 -8.81 15.50 0.34
N ILE A 203 -8.29 16.39 -0.49
CA ILE A 203 -6.83 16.52 -0.67
C ILE A 203 -6.36 17.87 -0.11
N ALA A 204 -5.77 17.85 1.08
CA ALA A 204 -5.28 19.07 1.72
C ALA A 204 -4.34 19.88 0.82
N CYS A 205 -4.49 21.20 0.87
CA CYS A 205 -3.58 22.13 0.18
C CYS A 205 -3.65 23.50 0.86
N ASP A 206 -2.78 24.44 0.44
CA ASP A 206 -2.66 25.72 1.14
C ASP A 206 -4.04 26.35 1.38
N GLU A 207 -4.90 26.28 0.36
CA GLU A 207 -6.24 26.86 0.42
C GLU A 207 -7.23 25.99 1.20
N ASN A 208 -6.96 24.68 1.23
CA ASN A 208 -7.84 23.73 1.92
C ASN A 208 -7.07 22.88 2.95
N PRO A 209 -6.59 23.53 4.04
CA PRO A 209 -5.68 22.92 5.03
C PRO A 209 -6.18 21.63 5.71
N ASP A 210 -7.48 21.58 6.03
CA ASP A 210 -8.02 20.46 6.80
C ASP A 210 -8.82 19.42 5.99
N ALA A 211 -8.42 19.17 4.74
CA ALA A 211 -8.95 18.09 3.89
C ALA A 211 -10.30 17.50 4.32
N THR A 212 -11.36 18.00 3.71
CA THR A 212 -12.74 17.65 4.07
C THR A 212 -13.28 16.36 3.43
N TYR A 213 -13.62 15.37 4.26
CA TYR A 213 -14.50 14.27 3.82
C TYR A 213 -15.97 14.60 4.07
N ASP A 214 -16.72 14.79 2.98
CA ASP A 214 -18.17 15.06 3.00
C ASP A 214 -18.80 13.98 2.13
N TYR A 215 -20.04 13.56 2.44
CA TYR A 215 -20.67 12.44 1.71
C TYR A 215 -20.59 12.59 0.19
N ARG A 216 -20.56 13.83 -0.29
CA ARG A 216 -20.45 14.13 -1.72
C ARG A 216 -19.10 13.73 -2.32
N SER A 217 -18.07 13.64 -1.49
CA SER A 217 -16.79 13.10 -1.94
C SER A 217 -16.98 11.76 -2.65
N ASP A 218 -17.89 10.92 -2.14
CA ASP A 218 -18.15 9.60 -2.74
C ASP A 218 -18.76 9.73 -4.13
N LEU A 219 -19.48 10.84 -4.33
CA LEU A 219 -20.16 11.08 -5.58
C LEU A 219 -19.14 11.46 -6.66
N TRP A 220 -18.16 12.28 -6.29
CA TRP A 220 -17.06 12.50 -7.21
C TRP A 220 -16.49 11.13 -7.63
N SER A 221 -16.18 10.30 -6.63
CA SER A 221 -15.52 9.02 -6.85
C SER A 221 -16.32 8.09 -7.75
N CYS A 222 -17.64 8.20 -7.63
CA CYS A 222 -18.59 7.45 -8.42
C CYS A 222 -18.53 7.89 -9.90
N GLY A 223 -18.47 9.20 -10.12
CA GLY A 223 -18.26 9.73 -11.47
C GLY A 223 -16.97 9.27 -12.14
N ILE A 224 -15.87 9.26 -11.38
CA ILE A 224 -14.61 8.76 -11.89
C ILE A 224 -14.70 7.28 -12.21
N THR A 225 -15.50 6.56 -11.42
CA THR A 225 -15.76 5.14 -11.63
C THR A 225 -16.54 4.96 -12.92
N ALA A 226 -17.40 5.93 -13.23
CA ALA A 226 -18.16 5.90 -14.47
C ALA A 226 -17.24 6.13 -15.67
N ILE A 227 -16.27 7.04 -15.53
CA ILE A 227 -15.28 7.25 -16.59
C ILE A 227 -14.42 6.00 -16.74
N GLU A 228 -14.10 5.37 -15.61
CA GLU A 228 -13.29 4.17 -15.60
C GLU A 228 -14.00 3.03 -16.34
N MET A 229 -15.31 2.94 -16.18
CA MET A 229 -16.13 2.00 -16.97
C MET A 229 -16.22 2.33 -18.47
N ALA A 230 -16.15 3.62 -18.81
CA ALA A 230 -16.24 4.03 -20.21
C ALA A 230 -14.93 3.91 -20.96
N GLU A 231 -13.80 4.15 -20.29
CA GLU A 231 -12.52 4.24 -20.98
C GLU A 231 -11.52 3.18 -20.52
N GLY A 232 -11.86 2.46 -19.46
CA GLY A 232 -11.00 1.40 -18.93
C GLY A 232 -10.02 1.83 -17.86
N ALA A 233 -9.94 3.13 -17.61
CA ALA A 233 -9.02 3.65 -16.59
C ALA A 233 -9.52 5.01 -16.15
N PRO A 234 -9.08 5.48 -14.97
CA PRO A 234 -9.53 6.81 -14.52
C PRO A 234 -8.76 7.91 -15.22
N PRO A 235 -9.28 9.15 -15.24
CA PRO A 235 -8.49 10.29 -15.68
C PRO A 235 -7.14 10.24 -14.99
N LEU A 236 -6.09 10.70 -15.65
CA LEU A 236 -4.76 10.86 -15.05
C LEU A 236 -4.09 9.54 -14.73
N CYS A 237 -4.65 8.43 -15.24
CA CYS A 237 -4.10 7.08 -15.01
C CYS A 237 -2.62 7.00 -15.39
N ASP A 238 -2.21 7.82 -16.35
CA ASP A 238 -0.82 7.84 -16.82
C ASP A 238 0.14 8.72 -16.00
N MET A 239 -0.37 9.33 -14.92
CA MET A 239 0.47 10.13 -14.04
C MET A 239 1.05 9.28 -12.94
N HIS A 240 2.19 9.72 -12.41
CA HIS A 240 2.66 9.20 -11.14
C HIS A 240 1.54 9.52 -10.13
N PRO A 241 1.20 8.56 -9.25
CA PRO A 241 0.22 8.74 -8.17
C PRO A 241 0.36 10.08 -7.43
N MET A 242 1.60 10.43 -7.07
CA MET A 242 1.91 11.71 -6.41
C MET A 242 1.58 12.89 -7.28
N ARG A 243 1.83 12.77 -8.58
CA ARG A 243 1.52 13.89 -9.45
C ARG A 243 0.00 14.03 -9.67
N ALA A 244 -0.69 12.90 -9.75
CA ALA A 244 -2.15 12.88 -9.80
C ALA A 244 -2.75 13.56 -8.56
N LEU A 245 -2.20 13.26 -7.39
CA LEU A 245 -2.61 13.89 -6.14
C LEU A 245 -2.44 15.43 -6.15
N PHE A 246 -1.33 15.90 -6.67
CA PHE A 246 -1.09 17.32 -6.89
C PHE A 246 -2.11 17.92 -7.87
N LEU A 247 -2.42 17.21 -8.93
CA LEU A 247 -3.21 17.77 -10.02
C LEU A 247 -4.72 17.81 -9.77
N ILE A 248 -5.29 16.76 -9.17
CA ILE A 248 -6.74 16.69 -8.95
C ILE A 248 -7.38 17.99 -8.39
N PRO A 249 -6.80 18.56 -7.31
CA PRO A 249 -7.40 19.84 -6.85
C PRO A 249 -7.13 21.04 -7.74
N ARG A 250 -6.10 20.96 -8.59
CA ARG A 250 -5.74 22.11 -9.44
C ARG A 250 -6.36 22.09 -10.84
N ASN A 251 -6.91 20.95 -11.25
CA ASN A 251 -7.47 20.77 -12.59
C ASN A 251 -8.97 21.06 -12.71
N PRO A 252 -9.43 21.37 -13.94
CA PRO A 252 -10.87 21.39 -14.24
C PRO A 252 -11.45 19.99 -14.00
N PRO A 253 -12.80 19.85 -13.94
CA PRO A 253 -13.42 18.54 -13.86
C PRO A 253 -13.05 17.69 -15.06
N PRO A 254 -12.71 16.40 -14.85
CA PRO A 254 -12.42 15.56 -15.98
C PRO A 254 -13.63 15.37 -16.86
N ARG A 255 -13.40 15.21 -18.16
CA ARG A 255 -14.44 14.87 -19.10
C ARG A 255 -14.11 13.59 -19.87
N LEU A 256 -15.14 12.95 -20.40
CA LEU A 256 -14.98 11.77 -21.25
C LEU A 256 -14.22 12.13 -22.53
N LYS A 257 -13.29 11.29 -22.96
CA LYS A 257 -12.49 11.55 -24.17
C LYS A 257 -13.30 11.51 -25.47
N SER A 258 -14.07 10.44 -25.69
CA SER A 258 -14.84 10.30 -26.92
C SER A 258 -16.10 11.17 -26.94
N LYS A 259 -16.67 11.32 -28.13
CA LYS A 259 -17.87 12.15 -28.30
C LYS A 259 -19.13 11.30 -28.51
N LYS A 260 -18.92 9.99 -28.64
CA LYS A 260 -20.00 9.04 -28.96
C LYS A 260 -21.11 8.90 -27.90
N TRP A 261 -20.83 9.35 -26.68
CA TRP A 261 -21.74 9.12 -25.55
C TRP A 261 -22.98 10.01 -25.66
N SER A 262 -24.06 9.61 -24.99
CA SER A 262 -25.28 10.42 -25.01
C SER A 262 -25.14 11.67 -24.14
N LYS A 263 -25.94 12.69 -24.46
CA LYS A 263 -25.98 13.91 -23.71
C LYS A 263 -26.28 13.62 -22.23
N LYS A 264 -27.07 12.57 -22.01
CA LYS A 264 -27.42 12.15 -20.64
C LYS A 264 -26.21 11.71 -19.79
N PHE A 265 -25.30 10.97 -20.42
CA PHE A 265 -24.11 10.48 -19.74
C PHE A 265 -23.18 11.65 -19.44
N PHE A 266 -22.91 12.49 -20.44
CA PHE A 266 -22.10 13.71 -20.26
C PHE A 266 -22.59 14.51 -19.07
N SER A 267 -23.90 14.69 -18.99
CA SER A 267 -24.53 15.44 -17.94
C SER A 267 -24.39 14.74 -16.58
N PHE A 268 -24.55 13.42 -16.57
CA PHE A 268 -24.35 12.66 -15.33
C PHE A 268 -22.93 12.81 -14.82
N ILE A 269 -21.95 12.55 -15.70
CA ILE A 269 -20.54 12.73 -15.38
C ILE A 269 -20.31 14.13 -14.86
N GLU A 270 -20.86 15.12 -15.56
CA GLU A 270 -20.77 16.51 -15.13
C GLU A 270 -21.32 16.73 -13.69
N GLY A 271 -22.43 16.08 -13.39
CA GLY A 271 -23.05 16.15 -12.05
C GLY A 271 -22.18 15.54 -10.97
N CYS A 272 -21.71 14.32 -11.22
CA CYS A 272 -20.74 13.70 -10.31
C CYS A 272 -19.50 14.54 -10.07
N LEU A 273 -19.01 15.23 -11.11
CA LEU A 273 -17.69 15.83 -11.04
C LEU A 273 -17.71 17.35 -10.88
N VAL A 274 -18.76 17.88 -10.27
CA VAL A 274 -18.77 19.30 -9.94
C VAL A 274 -17.51 19.60 -9.12
N LYS A 275 -16.67 20.49 -9.64
CA LYS A 275 -15.38 20.74 -9.01
C LYS A 275 -15.53 21.06 -7.52
N ASN A 276 -16.34 22.06 -7.20
CA ASN A 276 -16.55 22.50 -5.83
C ASN A 276 -17.71 21.72 -5.24
N TYR A 277 -17.44 20.97 -4.18
CA TYR A 277 -18.42 20.01 -3.65
C TYR A 277 -19.66 20.72 -3.10
N MET A 278 -19.48 21.95 -2.60
CA MET A 278 -20.61 22.76 -2.10
C MET A 278 -21.78 22.87 -3.10
N GLN A 279 -21.49 22.77 -4.40
CA GLN A 279 -22.56 22.73 -5.41
C GLN A 279 -22.72 21.40 -6.12
N ARG A 280 -22.01 20.36 -5.65
CA ARG A 280 -22.21 19.01 -6.15
C ARG A 280 -23.59 18.51 -5.70
N PRO A 281 -24.36 17.95 -6.62
CA PRO A 281 -25.62 17.38 -6.24
C PRO A 281 -25.47 16.32 -5.15
N SER A 282 -26.55 16.12 -4.39
CA SER A 282 -26.65 15.05 -3.40
C SER A 282 -26.83 13.70 -4.09
N THR A 283 -26.73 12.66 -3.28
CA THR A 283 -26.91 11.28 -3.73
C THR A 283 -28.33 11.06 -4.24
N GLU A 284 -29.30 11.57 -3.50
CA GLU A 284 -30.71 11.52 -3.91
C GLU A 284 -30.89 12.16 -5.29
N GLN A 285 -30.32 13.37 -5.46
CA GLN A 285 -30.45 14.14 -6.70
C GLN A 285 -29.90 13.38 -7.89
N LEU A 286 -28.68 12.88 -7.75
CA LEU A 286 -28.05 12.04 -8.78
C LEU A 286 -28.84 10.78 -9.12
N LEU A 287 -29.43 10.14 -8.11
CA LEU A 287 -30.36 9.03 -8.35
C LEU A 287 -31.59 9.42 -9.16
N LYS A 288 -31.98 10.69 -9.10
CA LYS A 288 -33.07 11.25 -9.92
C LYS A 288 -32.57 11.84 -11.25
N HIS A 289 -31.25 11.87 -11.45
CA HIS A 289 -30.70 12.29 -12.74
C HIS A 289 -31.21 11.35 -13.82
N PRO A 290 -31.67 11.92 -14.96
CA PRO A 290 -32.25 11.17 -16.05
C PRO A 290 -31.43 9.95 -16.44
N PHE A 291 -30.11 10.09 -16.49
CA PHE A 291 -29.24 8.99 -16.86
C PHE A 291 -29.39 7.80 -15.91
N ILE A 292 -29.68 8.08 -14.64
CA ILE A 292 -29.73 7.07 -13.61
C ILE A 292 -31.15 6.52 -13.50
N ARG A 293 -32.12 7.43 -13.63
CA ARG A 293 -33.54 7.15 -13.44
C ARG A 293 -34.20 6.41 -14.61
N ASP A 294 -34.00 6.89 -15.83
CA ASP A 294 -34.67 6.29 -16.99
C ASP A 294 -33.87 5.15 -17.55
N GLN A 295 -34.15 3.94 -17.07
CA GLN A 295 -33.46 2.76 -17.56
C GLN A 295 -34.44 1.72 -18.10
N PRO A 296 -34.96 1.94 -19.32
CA PRO A 296 -35.95 1.03 -19.87
C PRO A 296 -35.29 -0.22 -20.45
N ASN A 297 -34.19 -0.66 -19.85
CA ASN A 297 -33.42 -1.80 -20.31
C ASN A 297 -32.84 -2.65 -19.19
N GLU A 298 -33.16 -2.28 -17.94
CA GLU A 298 -32.69 -2.99 -16.74
C GLU A 298 -32.68 -4.50 -16.95
N ARG A 299 -33.85 -5.05 -17.27
CA ARG A 299 -34.02 -6.50 -17.46
C ARG A 299 -33.03 -7.05 -18.48
N GLN A 300 -33.07 -6.52 -19.70
CA GLN A 300 -32.14 -6.93 -20.74
C GLN A 300 -30.66 -6.69 -20.39
N VAL A 301 -30.40 -5.60 -19.66
CA VAL A 301 -29.03 -5.26 -19.26
C VAL A 301 -28.52 -6.27 -18.25
N ARG A 302 -29.33 -6.54 -17.23
CA ARG A 302 -28.99 -7.50 -16.18
C ARG A 302 -28.74 -8.90 -16.75
N ILE A 303 -29.41 -9.22 -17.85
CA ILE A 303 -29.21 -10.49 -18.54
C ILE A 303 -27.87 -10.53 -19.29
N GLN A 304 -27.52 -9.40 -19.91
CA GLN A 304 -26.26 -9.27 -20.65
C GLN A 304 -25.03 -9.38 -19.76
N LEU A 305 -25.13 -8.84 -18.55
CA LEU A 305 -24.03 -8.91 -17.59
C LEU A 305 -23.84 -10.36 -17.13
N LYS A 306 -24.96 -11.02 -16.87
CA LYS A 306 -25.00 -12.46 -16.62
C LYS A 306 -24.28 -13.19 -17.74
N ASP A 307 -24.69 -12.88 -18.97
CA ASP A 307 -24.05 -13.48 -20.15
C ASP A 307 -22.54 -13.25 -20.18
N HIS A 308 -22.12 -12.00 -20.00
CA HIS A 308 -20.71 -11.63 -20.01
C HIS A 308 -19.90 -12.34 -18.91
N ILE A 309 -20.43 -12.37 -17.68
CA ILE A 309 -19.74 -12.99 -16.55
C ILE A 309 -19.41 -14.46 -16.87
N ASP A 310 -20.42 -15.20 -17.31
CA ASP A 310 -20.29 -16.63 -17.61
C ASP A 310 -19.28 -16.91 -18.74
N ARG A 311 -19.31 -16.08 -19.78
CA ARG A 311 -18.42 -16.22 -20.94
C ARG A 311 -16.91 -16.20 -20.61
N THR A 312 -16.59 -16.10 -19.32
CA THR A 312 -15.19 -15.96 -18.86
C THR A 312 -14.89 -16.80 -17.61
N ILE B 16 24.52 -16.54 -12.85
CA ILE B 16 23.76 -15.83 -11.77
C ILE B 16 23.81 -14.31 -11.98
N ASP B 17 23.16 -13.84 -13.05
CA ASP B 17 23.30 -12.46 -13.54
C ASP B 17 22.14 -11.50 -13.20
N LEU B 18 22.50 -10.24 -12.97
CA LEU B 18 21.53 -9.20 -12.60
C LEU B 18 20.99 -8.48 -13.83
N SER B 19 21.51 -8.82 -15.01
CA SER B 19 21.16 -8.12 -16.26
C SER B 19 20.10 -8.82 -17.13
N SER B 20 19.49 -9.88 -16.61
CA SER B 20 18.39 -10.55 -17.30
C SER B 20 17.46 -11.23 -16.29
N LEU B 21 16.23 -11.53 -16.73
CA LEU B 21 15.29 -12.30 -15.93
C LEU B 21 15.08 -13.70 -16.53
N ARG B 22 15.31 -14.73 -15.72
CA ARG B 22 15.36 -16.10 -16.20
C ARG B 22 14.45 -17.00 -15.38
N ASP B 23 14.21 -18.22 -15.87
CA ASP B 23 13.53 -19.23 -15.08
C ASP B 23 14.41 -19.59 -13.90
N PRO B 24 13.83 -19.64 -12.68
CA PRO B 24 14.61 -19.94 -11.49
C PRO B 24 15.00 -21.41 -11.34
N ALA B 25 14.65 -22.24 -12.33
CA ALA B 25 14.86 -23.70 -12.27
C ALA B 25 16.34 -24.08 -12.11
N GLY B 26 16.63 -24.84 -11.07
CA GLY B 26 18.00 -25.24 -10.75
C GLY B 26 18.86 -24.17 -10.08
N ILE B 27 18.35 -22.94 -9.99
CA ILE B 27 19.10 -21.84 -9.38
C ILE B 27 18.54 -21.50 -7.99
N PHE B 28 17.26 -21.16 -7.92
CA PHE B 28 16.60 -20.89 -6.64
C PHE B 28 15.26 -21.61 -6.55
N GLU B 29 14.86 -21.95 -5.33
CA GLU B 29 13.51 -22.48 -5.09
C GLU B 29 12.99 -22.07 -3.71
N LEU B 30 11.66 -22.09 -3.56
CA LEU B 30 11.01 -21.75 -2.30
C LEU B 30 11.11 -22.92 -1.32
N VAL B 31 11.23 -22.61 -0.04
CA VAL B 31 11.30 -23.63 1.01
C VAL B 31 9.98 -23.76 1.75
N GLU B 32 9.22 -22.67 1.84
CA GLU B 32 7.91 -22.70 2.50
C GLU B 32 6.76 -22.55 1.50
N VAL B 33 5.56 -22.99 1.90
CA VAL B 33 4.37 -22.90 1.04
C VAL B 33 3.94 -21.44 0.86
N VAL B 34 3.50 -21.09 -0.34
CA VAL B 34 3.00 -19.74 -0.62
C VAL B 34 1.51 -19.61 -0.27
N GLY B 35 1.24 -19.21 0.97
CA GLY B 35 -0.14 -19.10 1.46
C GLY B 35 -0.47 -17.76 2.09
N ASN B 36 0.46 -16.81 1.98
CA ASN B 36 0.27 -15.46 2.50
C ASN B 36 0.08 -14.39 1.42
N GLY B 37 -0.04 -14.83 0.17
CA GLY B 37 -0.21 -13.93 -0.97
C GLY B 37 0.99 -13.92 -1.89
N THR B 38 0.76 -13.50 -3.13
CA THR B 38 1.84 -13.33 -4.09
C THR B 38 1.78 -11.94 -4.70
N TYR B 39 1.80 -10.93 -3.82
CA TYR B 39 1.88 -9.53 -4.26
C TYR B 39 3.01 -8.77 -3.56
N GLY B 40 4.15 -9.45 -3.40
CA GLY B 40 5.31 -8.83 -2.77
C GLY B 40 5.65 -9.39 -1.40
N GLN B 41 4.88 -10.38 -0.95
CA GLN B 41 5.22 -11.13 0.25
C GLN B 41 6.58 -11.77 0.09
N VAL B 42 7.32 -11.84 1.18
CA VAL B 42 8.65 -12.43 1.15
C VAL B 42 8.56 -13.82 1.77
N TYR B 43 9.13 -14.81 1.08
CA TYR B 43 9.19 -16.19 1.56
C TYR B 43 10.63 -16.70 1.61
N LYS B 44 10.90 -17.60 2.55
CA LYS B 44 12.20 -18.23 2.68
C LYS B 44 12.47 -19.15 1.49
N GLY B 45 13.72 -19.15 1.04
CA GLY B 45 14.14 -19.96 -0.09
C GLY B 45 15.57 -20.45 0.01
N ARG B 46 16.02 -21.09 -1.06
CA ARG B 46 17.24 -21.88 -1.08
C ARG B 46 18.00 -21.61 -2.36
N HIS B 47 19.30 -21.37 -2.28
CA HIS B 47 20.14 -21.48 -3.49
C HIS B 47 20.25 -22.97 -3.77
N VAL B 48 19.80 -23.39 -4.96
CA VAL B 48 19.70 -24.82 -5.32
C VAL B 48 21.03 -25.57 -5.31
N LYS B 49 22.09 -24.94 -5.81
CA LYS B 49 23.42 -25.55 -5.81
C LYS B 49 24.02 -25.63 -4.40
N THR B 50 24.09 -24.50 -3.71
CA THR B 50 24.80 -24.42 -2.43
C THR B 50 23.95 -24.83 -1.23
N GLY B 51 22.65 -24.60 -1.28
CA GLY B 51 21.78 -24.92 -0.15
C GLY B 51 21.56 -23.77 0.81
N GLN B 52 22.26 -22.66 0.60
CA GLN B 52 22.14 -21.51 1.49
C GLN B 52 20.76 -20.82 1.43
N LEU B 53 20.41 -20.14 2.53
CA LEU B 53 19.12 -19.48 2.67
C LEU B 53 19.03 -18.23 1.80
N ALA B 54 17.79 -17.86 1.47
CA ALA B 54 17.51 -16.69 0.63
C ALA B 54 16.11 -16.15 0.92
N ALA B 55 15.99 -14.83 1.01
CA ALA B 55 14.69 -14.18 1.08
C ALA B 55 14.20 -13.96 -0.34
N ILE B 56 13.02 -14.48 -0.64
CA ILE B 56 12.45 -14.35 -1.97
C ILE B 56 11.12 -13.59 -1.94
N LYS B 57 11.08 -12.47 -2.65
CA LYS B 57 9.87 -11.66 -2.78
C LYS B 57 9.13 -12.09 -4.03
N VAL B 58 7.84 -12.45 -3.85
CA VAL B 58 7.03 -13.07 -4.92
C VAL B 58 5.85 -12.19 -5.31
N MET B 59 5.75 -11.91 -6.60
CA MET B 59 4.71 -11.05 -7.14
C MET B 59 4.11 -11.66 -8.40
N ASP B 60 2.81 -11.91 -8.40
CA ASP B 60 2.11 -12.22 -9.63
C ASP B 60 2.17 -11.03 -10.57
N VAL B 61 2.40 -11.31 -11.86
CA VAL B 61 2.71 -10.30 -12.86
C VAL B 61 2.04 -10.61 -14.19
N THR B 62 1.39 -9.62 -14.78
CA THR B 62 0.77 -9.75 -16.10
C THR B 62 1.86 -9.77 -17.15
N GLU B 63 1.54 -10.22 -18.35
CA GLU B 63 2.50 -10.22 -19.45
C GLU B 63 3.01 -8.80 -19.77
N ASP B 64 2.13 -7.82 -19.67
CA ASP B 64 2.49 -6.42 -19.90
C ASP B 64 3.47 -5.89 -18.85
N GLU B 65 3.31 -6.36 -17.61
CA GLU B 65 4.24 -5.99 -16.55
C GLU B 65 5.61 -6.68 -16.68
N GLU B 66 5.60 -7.88 -17.26
CA GLU B 66 6.86 -8.57 -17.62
C GLU B 66 7.71 -7.77 -18.60
N GLU B 67 7.05 -7.04 -19.49
CA GLU B 67 7.78 -6.18 -20.43
C GLU B 67 8.36 -4.97 -19.72
N GLU B 68 7.53 -4.31 -18.91
CA GLU B 68 8.00 -3.25 -18.03
C GLU B 68 9.21 -3.76 -17.23
N ILE B 69 9.14 -5.00 -16.76
CA ILE B 69 10.24 -5.63 -16.02
C ILE B 69 11.55 -5.65 -16.82
N LYS B 70 11.51 -6.13 -18.07
CA LYS B 70 12.70 -6.19 -18.91
C LYS B 70 13.30 -4.81 -19.09
N LEU B 71 12.45 -3.84 -19.44
CA LEU B 71 12.85 -2.46 -19.61
C LEU B 71 13.68 -1.97 -18.42
N GLU B 72 13.13 -2.05 -17.22
CA GLU B 72 13.84 -1.54 -16.05
C GLU B 72 14.99 -2.41 -15.59
N ILE B 73 15.05 -3.65 -16.03
CA ILE B 73 16.25 -4.43 -15.77
C ILE B 73 17.43 -3.79 -16.48
N ASN B 74 17.21 -3.27 -17.69
CA ASN B 74 18.23 -2.49 -18.39
C ASN B 74 18.58 -1.21 -17.65
N MET B 75 17.66 -0.73 -16.81
CA MET B 75 17.88 0.53 -16.11
C MET B 75 18.72 0.35 -14.87
N LEU B 76 18.94 -0.89 -14.45
CA LEU B 76 19.72 -1.19 -13.26
C LEU B 76 21.17 -0.73 -13.41
N LYS B 77 21.78 -0.33 -12.29
CA LYS B 77 23.19 0.05 -12.22
C LYS B 77 23.98 -0.98 -11.43
N LYS B 78 25.25 -1.15 -11.78
CA LYS B 78 26.10 -2.17 -11.17
C LYS B 78 26.71 -1.70 -9.88
N TYR B 79 26.68 -2.56 -8.87
CA TYR B 79 27.38 -2.30 -7.65
C TYR B 79 27.64 -3.60 -6.92
N SER B 80 28.84 -3.71 -6.35
CA SER B 80 29.31 -4.92 -5.71
C SER B 80 28.58 -5.21 -4.41
N HIS B 81 28.99 -6.29 -3.75
CA HIS B 81 28.43 -6.68 -2.46
C HIS B 81 28.93 -5.71 -1.39
N HIS B 82 28.20 -5.62 -0.28
CA HIS B 82 28.60 -4.75 0.81
C HIS B 82 28.05 -5.29 2.12
N ARG B 83 28.87 -5.20 3.16
CA ARG B 83 28.53 -5.70 4.49
C ARG B 83 27.24 -5.11 5.07
N ASN B 84 26.82 -3.96 4.56
CA ASN B 84 25.63 -3.28 5.10
C ASN B 84 24.44 -3.27 4.14
N ILE B 85 24.55 -4.03 3.06
CA ILE B 85 23.45 -4.21 2.14
C ILE B 85 23.19 -5.70 2.00
N ALA B 86 21.96 -6.12 2.28
CA ALA B 86 21.55 -7.51 2.04
C ALA B 86 21.58 -7.71 0.54
N THR B 87 22.50 -8.57 0.10
CA THR B 87 22.84 -8.69 -1.33
C THR B 87 21.63 -9.06 -2.16
N TYR B 88 21.39 -8.27 -3.20
CA TYR B 88 20.39 -8.56 -4.21
C TYR B 88 20.97 -9.57 -5.16
N TYR B 89 20.25 -10.66 -5.38
CA TYR B 89 20.77 -11.77 -6.17
C TYR B 89 20.23 -11.82 -7.58
N GLY B 90 19.14 -11.08 -7.83
CA GLY B 90 18.58 -11.01 -9.17
C GLY B 90 17.09 -11.23 -9.28
N ALA B 91 16.62 -11.30 -10.52
CA ALA B 91 15.21 -11.33 -10.82
C ALA B 91 14.88 -12.55 -11.65
N PHE B 92 13.78 -13.21 -11.29
CA PHE B 92 13.35 -14.43 -11.96
C PHE B 92 11.85 -14.40 -12.21
N ILE B 93 11.43 -15.13 -13.24
CA ILE B 93 10.03 -15.34 -13.49
C ILE B 93 9.75 -16.83 -13.62
N LYS B 94 8.70 -17.27 -12.92
CA LYS B 94 8.23 -18.65 -12.92
C LYS B 94 6.83 -18.66 -13.53
N LYS B 95 6.66 -19.44 -14.60
CA LYS B 95 5.41 -19.47 -15.34
C LYS B 95 4.28 -20.18 -14.57
N SER B 96 3.04 -19.97 -15.02
CA SER B 96 1.85 -20.55 -14.42
C SER B 96 0.92 -21.07 -15.54
N PRO B 97 0.04 -22.06 -15.22
CA PRO B 97 -0.91 -22.65 -16.18
C PRO B 97 -1.21 -21.76 -17.41
N PRO B 98 -0.57 -22.09 -18.56
CA PRO B 98 -0.50 -21.25 -19.77
C PRO B 98 -1.85 -20.66 -20.20
N ASP B 101 -1.31 -16.24 -14.75
CA ASP B 101 -0.42 -15.15 -14.40
C ASP B 101 0.86 -15.67 -13.75
N ASP B 102 1.98 -15.40 -14.40
CA ASP B 102 3.30 -15.84 -13.94
C ASP B 102 3.74 -15.09 -12.66
N GLN B 103 4.79 -15.59 -12.02
CA GLN B 103 5.30 -14.99 -10.80
C GLN B 103 6.67 -14.33 -10.99
N LEU B 104 6.79 -13.09 -10.52
CA LEU B 104 8.08 -12.43 -10.42
C LEU B 104 8.72 -12.78 -9.07
N TRP B 105 9.99 -13.15 -9.12
CA TRP B 105 10.77 -13.42 -7.92
C TRP B 105 11.95 -12.44 -7.84
N LEU B 106 12.13 -11.83 -6.68
CA LEU B 106 13.29 -11.02 -6.42
C LEU B 106 14.02 -11.65 -5.25
N VAL B 107 15.29 -11.98 -5.47
CA VAL B 107 16.01 -12.80 -4.51
C VAL B 107 17.06 -12.00 -3.78
N MET B 108 17.11 -12.18 -2.48
CA MET B 108 18.02 -11.42 -1.64
C MET B 108 18.59 -12.29 -0.51
N GLU B 109 19.83 -12.00 -0.14
CA GLU B 109 20.47 -12.54 1.04
C GLU B 109 19.50 -12.60 2.21
N PHE B 110 19.49 -13.72 2.92
CA PHE B 110 18.60 -13.94 4.03
C PHE B 110 19.19 -13.34 5.30
N CYS B 111 18.37 -12.61 6.04
CA CYS B 111 18.77 -12.06 7.34
C CYS B 111 17.80 -12.58 8.38
N GLY B 112 18.29 -13.48 9.21
CA GLY B 112 17.43 -14.26 10.09
C GLY B 112 16.84 -13.52 11.27
N ALA B 113 17.56 -12.52 11.78
CA ALA B 113 17.23 -11.91 13.08
C ALA B 113 16.20 -10.76 13.07
N GLY B 114 15.44 -10.61 11.99
CA GLY B 114 14.37 -9.59 11.93
C GLY B 114 14.77 -8.16 11.59
N SER B 115 13.79 -7.27 11.54
CA SER B 115 14.02 -5.88 11.18
C SER B 115 14.31 -5.03 12.41
N ILE B 116 14.76 -3.80 12.17
CA ILE B 116 14.88 -2.84 13.26
C ILE B 116 13.52 -2.48 13.86
N THR B 117 12.45 -2.48 13.08
CA THR B 117 11.13 -2.24 13.67
C THR B 117 10.82 -3.34 14.68
N ASP B 118 11.15 -4.59 14.34
CA ASP B 118 11.03 -5.73 15.27
C ASP B 118 11.91 -5.55 16.51
N LEU B 119 13.08 -4.95 16.31
CA LEU B 119 14.00 -4.73 17.42
C LEU B 119 13.42 -3.75 18.43
N VAL B 120 12.80 -2.68 17.94
CA VAL B 120 12.25 -1.66 18.81
C VAL B 120 10.96 -2.16 19.46
N LYS B 121 10.20 -2.94 18.73
CA LYS B 121 8.92 -3.50 19.21
C LYS B 121 9.16 -4.48 20.37
N ASN B 122 10.18 -5.33 20.23
CA ASN B 122 10.60 -6.28 21.28
C ASN B 122 11.63 -5.68 22.24
N THR B 123 11.45 -4.41 22.59
CA THR B 123 12.31 -3.76 23.58
C THR B 123 11.48 -3.05 24.65
N LYS B 124 11.96 -3.12 25.89
CA LYS B 124 11.35 -2.44 27.02
C LYS B 124 11.01 -0.99 26.67
N GLY B 125 9.71 -0.68 26.67
CA GLY B 125 9.24 0.68 26.43
C GLY B 125 9.51 1.22 25.03
N ASN B 126 9.69 0.29 24.08
CA ASN B 126 9.82 0.62 22.65
C ASN B 126 10.74 1.81 22.34
N THR B 127 11.95 1.77 22.88
CA THR B 127 12.94 2.83 22.70
C THR B 127 14.35 2.27 22.86
N LEU B 128 15.13 2.33 21.79
CA LEU B 128 16.52 1.91 21.86
C LEU B 128 17.33 2.97 22.59
N LYS B 129 18.42 2.56 23.25
CA LYS B 129 19.24 3.54 23.93
C LYS B 129 20.25 4.19 22.99
N GLU B 130 20.79 5.32 23.40
CA GLU B 130 21.47 6.24 22.49
C GLU B 130 22.68 5.70 21.73
N ASP B 131 23.34 4.66 22.24
CA ASP B 131 24.51 4.14 21.54
C ASP B 131 24.19 3.04 20.54
N TRP B 132 23.10 2.32 20.77
CA TRP B 132 22.54 1.41 19.78
C TRP B 132 22.14 2.20 18.53
N ILE B 133 21.50 3.35 18.75
CA ILE B 133 21.03 4.21 17.68
C ILE B 133 22.18 4.67 16.80
N ALA B 134 23.23 5.20 17.43
CA ALA B 134 24.41 5.66 16.70
C ALA B 134 25.04 4.56 15.86
N TYR B 135 25.06 3.34 16.42
CA TYR B 135 25.66 2.20 15.75
C TYR B 135 24.82 1.80 14.52
N ILE B 136 23.54 1.51 14.74
CA ILE B 136 22.65 1.16 13.63
C ILE B 136 22.67 2.29 12.57
N SER B 137 22.36 3.52 12.97
CA SER B 137 22.43 4.67 12.06
C SER B 137 23.72 4.69 11.24
N ARG B 138 24.86 4.42 11.86
CA ARG B 138 26.13 4.37 11.12
C ARG B 138 26.17 3.27 10.06
N GLU B 139 25.70 2.09 10.42
CA GLU B 139 25.60 0.98 9.49
C GLU B 139 24.71 1.33 8.28
N ILE B 140 23.56 1.94 8.57
CA ILE B 140 22.63 2.42 7.54
C ILE B 140 23.36 3.37 6.62
N LEU B 141 24.02 4.37 7.22
CA LEU B 141 24.80 5.34 6.48
C LEU B 141 25.89 4.73 5.61
N ARG B 142 26.58 3.71 6.11
CA ARG B 142 27.64 3.07 5.32
C ARG B 142 27.08 2.36 4.09
N GLY B 143 25.98 1.65 4.27
CA GLY B 143 25.34 0.99 3.13
C GLY B 143 24.87 2.01 2.11
N LEU B 144 24.29 3.12 2.59
CA LEU B 144 23.86 4.20 1.70
C LEU B 144 25.03 4.80 0.92
N ALA B 145 26.15 5.04 1.58
CA ALA B 145 27.31 5.63 0.89
C ALA B 145 27.73 4.77 -0.29
N HIS B 146 27.69 3.45 -0.11
CA HIS B 146 27.99 2.50 -1.18
C HIS B 146 26.99 2.59 -2.32
N LEU B 147 25.70 2.70 -2.00
CA LEU B 147 24.69 2.91 -3.02
C LEU B 147 24.92 4.24 -3.74
N HIS B 148 25.09 5.31 -2.97
CA HIS B 148 25.29 6.64 -3.53
C HIS B 148 26.54 6.82 -4.38
N ILE B 149 27.69 6.24 -4.03
CA ILE B 149 28.86 6.35 -4.92
C ILE B 149 28.62 5.65 -6.25
N HIS B 150 27.67 4.72 -6.26
CA HIS B 150 27.28 4.02 -7.48
C HIS B 150 26.04 4.61 -8.15
N HIS B 151 25.70 5.84 -7.75
CA HIS B 151 24.64 6.60 -8.41
C HIS B 151 23.23 5.99 -8.26
N VAL B 152 22.99 5.35 -7.11
CA VAL B 152 21.70 4.76 -6.80
C VAL B 152 21.12 5.24 -5.47
N ILE B 153 19.84 5.61 -5.52
CA ILE B 153 19.08 6.08 -4.36
C ILE B 153 18.31 4.89 -3.80
N HIS B 154 18.39 4.65 -2.49
CA HIS B 154 17.69 3.50 -1.91
C HIS B 154 16.18 3.64 -2.00
N ARG B 155 15.70 4.83 -1.63
CA ARG B 155 14.31 5.26 -1.84
C ARG B 155 13.34 4.88 -0.73
N ASP B 156 13.70 3.93 0.15
CA ASP B 156 12.75 3.50 1.20
C ASP B 156 13.43 3.12 2.52
N ILE B 157 14.24 4.04 3.04
CA ILE B 157 14.88 3.85 4.32
C ILE B 157 13.88 4.01 5.47
N LYS B 158 13.74 2.97 6.27
CA LYS B 158 12.84 2.93 7.42
C LYS B 158 13.19 1.70 8.27
N GLY B 159 12.75 1.72 9.53
CA GLY B 159 13.06 0.67 10.49
C GLY B 159 12.80 -0.69 9.89
N GLN B 160 11.61 -0.83 9.33
CA GLN B 160 11.17 -2.08 8.73
C GLN B 160 12.07 -2.54 7.58
N ASN B 161 12.77 -1.61 6.94
CA ASN B 161 13.64 -1.97 5.81
C ASN B 161 15.13 -2.08 6.17
N VAL B 162 15.41 -2.20 7.46
CA VAL B 162 16.78 -2.37 7.93
C VAL B 162 16.83 -3.64 8.76
N LEU B 163 17.70 -4.57 8.36
CA LEU B 163 17.66 -5.92 8.92
C LEU B 163 18.84 -6.28 9.78
N LEU B 164 18.61 -7.22 10.69
CA LEU B 164 19.64 -7.83 11.53
C LEU B 164 19.90 -9.28 11.12
N THR B 165 21.16 -9.67 11.05
CA THR B 165 21.53 -11.09 10.95
C THR B 165 21.74 -11.59 12.37
N GLU B 166 21.81 -12.90 12.55
CA GLU B 166 22.09 -13.47 13.89
C GLU B 166 23.51 -13.15 14.38
N ASN B 167 24.40 -12.82 13.45
CA ASN B 167 25.72 -12.25 13.81
C ASN B 167 25.65 -10.78 14.21
N ALA B 168 24.42 -10.28 14.37
CA ALA B 168 24.14 -8.87 14.68
C ALA B 168 24.71 -7.87 13.64
N GLU B 169 24.85 -8.32 12.40
CA GLU B 169 25.20 -7.44 11.28
C GLU B 169 23.96 -6.64 10.88
N VAL B 170 24.17 -5.39 10.45
CA VAL B 170 23.06 -4.51 10.07
C VAL B 170 23.04 -4.32 8.55
N LYS B 171 21.92 -4.64 7.92
CA LYS B 171 21.85 -4.70 6.46
C LYS B 171 20.58 -4.09 5.88
N LEU B 172 20.74 -3.27 4.85
CA LEU B 172 19.58 -2.68 4.17
C LEU B 172 18.93 -3.68 3.23
N VAL B 173 17.61 -3.65 3.20
CA VAL B 173 16.83 -4.39 2.22
C VAL B 173 17.15 -3.89 0.81
N ASP B 174 17.55 -4.81 -0.07
CA ASP B 174 17.75 -4.52 -1.49
C ASP B 174 17.17 -5.62 -2.38
N PHE B 175 15.94 -5.42 -2.84
CA PHE B 175 15.34 -6.29 -3.84
C PHE B 175 15.45 -5.71 -5.26
N GLY B 176 16.56 -5.03 -5.53
CA GLY B 176 16.76 -4.36 -6.81
C GLY B 176 16.41 -2.89 -6.73
N VAL B 177 16.91 -2.22 -5.69
CA VAL B 177 16.58 -0.80 -5.42
C VAL B 177 16.95 0.13 -6.57
N SER B 178 17.92 -0.30 -7.36
CA SER B 178 18.40 0.43 -8.51
C SER B 178 17.25 0.83 -9.43
N ALA B 179 16.39 -0.13 -9.78
CA ALA B 179 15.26 0.17 -10.67
C ALA B 179 13.88 -0.04 -10.04
N GLN B 180 13.86 -0.32 -8.73
CA GLN B 180 12.64 -0.31 -7.92
C GLN B 180 11.62 -1.34 -8.41
N LEU B 181 12.10 -2.54 -8.69
CA LEU B 181 11.27 -3.61 -9.25
C LEU B 181 10.09 -4.01 -8.36
N ASP B 182 10.30 -4.05 -7.04
CA ASP B 182 9.22 -4.37 -6.09
C ASP B 182 8.21 -3.24 -5.93
N ARG B 183 8.47 -2.13 -6.60
CA ARG B 183 7.68 -0.93 -6.36
C ARG B 183 6.87 -0.51 -7.60
N THR B 184 7.36 -0.87 -8.79
CA THR B 184 6.81 -0.35 -10.04
C THR B 184 5.77 -1.27 -10.69
N VAL B 185 5.66 -2.50 -10.18
CA VAL B 185 4.83 -3.48 -10.84
C VAL B 185 3.90 -4.14 -9.81
N GLY B 186 2.72 -4.58 -10.24
CA GLY B 186 1.76 -5.20 -9.32
C GLY B 186 0.60 -4.29 -8.91
N ARG B 187 -0.43 -4.90 -8.37
CA ARG B 187 -1.71 -4.24 -8.14
C ARG B 187 -1.67 -3.00 -7.22
N ARG B 188 -0.60 -2.85 -6.45
CA ARG B 188 -0.52 -1.71 -5.55
C ARG B 188 0.64 -0.74 -5.86
N ASN B 189 1.17 -0.82 -7.08
CA ASN B 189 2.14 0.15 -7.55
C ASN B 189 1.51 1.54 -7.78
N THR B 190 0.18 1.59 -7.83
CA THR B 190 -0.56 2.83 -7.97
C THR B 190 -0.82 3.51 -6.61
N PHE B 191 -0.49 2.82 -5.53
CA PHE B 191 -0.71 3.35 -4.20
C PHE B 191 0.33 4.42 -3.88
N ILE B 192 -0.11 5.47 -3.20
CA ILE B 192 0.77 6.51 -2.70
C ILE B 192 1.74 5.96 -1.64
N GLY B 193 1.32 4.93 -0.90
CA GLY B 193 2.17 4.41 0.17
C GLY B 193 2.03 5.15 1.51
N THR B 194 2.97 4.86 2.41
CA THR B 194 2.97 5.42 3.75
C THR B 194 3.89 6.65 3.78
N PRO B 195 3.39 7.79 4.31
CA PRO B 195 4.07 9.09 4.09
C PRO B 195 5.20 9.42 5.07
N TYR B 196 5.26 8.71 6.19
CA TYR B 196 6.01 9.16 7.37
C TYR B 196 7.52 9.26 7.22
N TRP B 197 8.10 8.47 6.34
CA TRP B 197 9.57 8.50 6.15
C TRP B 197 9.99 9.35 4.93
N MET B 198 9.00 9.90 4.26
CA MET B 198 9.19 10.66 3.02
C MET B 198 9.82 12.04 3.24
N ALA B 199 10.85 12.36 2.46
CA ALA B 199 11.46 13.67 2.50
C ALA B 199 10.53 14.71 1.86
N PRO B 200 10.60 15.99 2.32
CA PRO B 200 9.70 16.97 1.71
C PRO B 200 9.79 17.00 0.18
N GLU B 201 10.98 16.81 -0.40
CA GLU B 201 11.13 16.95 -1.86
C GLU B 201 10.44 15.85 -2.69
N VAL B 202 10.12 14.71 -2.07
CA VAL B 202 9.40 13.65 -2.78
C VAL B 202 7.88 13.85 -2.76
N ILE B 203 7.41 14.82 -1.97
CA ILE B 203 5.98 15.08 -1.87
C ILE B 203 5.62 16.23 -2.78
N ALA B 204 4.67 15.98 -3.68
CA ALA B 204 4.20 17.00 -4.60
C ALA B 204 3.26 17.93 -3.85
N CYS B 205 3.58 19.22 -3.88
CA CYS B 205 2.81 20.25 -3.18
C CYS B 205 2.92 21.59 -3.90
N ASP B 206 2.30 22.61 -3.33
CA ASP B 206 2.26 23.96 -3.91
C ASP B 206 3.61 24.44 -4.46
N GLU B 207 4.67 24.27 -3.67
CA GLU B 207 6.01 24.74 -4.07
C GLU B 207 6.87 23.64 -4.71
N ASN B 208 6.32 22.43 -4.82
CA ASN B 208 7.07 21.28 -5.35
C ASN B 208 6.23 20.51 -6.36
N PRO B 209 5.94 21.11 -7.52
CA PRO B 209 5.06 20.50 -8.53
C PRO B 209 5.51 19.13 -9.01
N ASP B 210 6.82 18.91 -9.02
CA ASP B 210 7.37 17.62 -9.42
C ASP B 210 8.26 17.08 -8.32
N ALA B 211 7.91 15.92 -7.78
CA ALA B 211 8.79 15.19 -6.90
C ALA B 211 10.20 15.09 -7.53
N THR B 212 11.21 15.43 -6.75
CA THR B 212 12.59 15.25 -7.18
C THR B 212 13.26 14.32 -6.20
N TYR B 213 13.49 13.09 -6.63
CA TYR B 213 14.27 12.15 -5.83
C TYR B 213 15.76 12.47 -5.92
N ASP B 214 16.40 12.46 -4.76
CA ASP B 214 17.81 12.74 -4.66
C ASP B 214 18.44 11.72 -3.69
N TYR B 215 19.75 11.52 -3.78
CA TYR B 215 20.48 10.75 -2.77
C TYR B 215 20.21 11.28 -1.36
N ARG B 216 20.09 12.61 -1.22
CA ARG B 216 19.95 13.24 0.08
C ARG B 216 18.58 12.96 0.71
N SER B 217 17.64 12.52 -0.13
CA SER B 217 16.34 12.02 0.33
C SER B 217 16.52 10.80 1.26
N ASP B 218 17.48 9.94 0.93
CA ASP B 218 17.82 8.81 1.81
C ASP B 218 18.25 9.27 3.22
N LEU B 219 18.91 10.43 3.29
CA LEU B 219 19.43 10.94 4.56
C LEU B 219 18.34 11.52 5.47
N TRP B 220 17.36 12.22 4.91
CA TRP B 220 16.15 12.57 5.64
C TRP B 220 15.49 11.32 6.25
N SER B 221 15.25 10.30 5.42
CA SER B 221 14.68 9.04 5.89
C SER B 221 15.51 8.40 6.98
N CYS B 222 16.83 8.54 6.90
CA CYS B 222 17.69 8.00 7.94
C CYS B 222 17.48 8.73 9.28
N GLY B 223 17.32 10.05 9.21
CA GLY B 223 16.99 10.85 10.40
C GLY B 223 15.62 10.49 10.99
N ILE B 224 14.64 10.24 10.11
CA ILE B 224 13.34 9.80 10.58
C ILE B 224 13.44 8.40 11.20
N THR B 225 14.33 7.57 10.64
CA THR B 225 14.61 6.22 11.17
C THR B 225 15.25 6.27 12.57
N ALA B 226 16.09 7.26 12.82
CA ALA B 226 16.72 7.39 14.12
C ALA B 226 15.73 7.82 15.20
N ILE B 227 14.77 8.68 14.83
CA ILE B 227 13.66 9.00 15.71
C ILE B 227 12.75 7.80 15.96
N GLU B 228 12.57 6.96 14.93
CA GLU B 228 11.81 5.70 15.05
C GLU B 228 12.48 4.76 16.06
N MET B 229 13.80 4.81 16.14
CA MET B 229 14.54 3.98 17.10
C MET B 229 14.47 4.57 18.51
N ALA B 230 14.39 5.89 18.58
CA ALA B 230 14.39 6.59 19.83
C ALA B 230 13.03 6.63 20.52
N GLU B 231 11.96 6.53 19.73
CA GLU B 231 10.61 6.72 20.24
C GLU B 231 9.65 5.62 19.82
N GLY B 232 10.14 4.66 19.03
CA GLY B 232 9.31 3.53 18.60
C GLY B 232 8.35 3.78 17.45
N ALA B 233 8.46 4.95 16.83
CA ALA B 233 7.51 5.40 15.79
C ALA B 233 8.06 6.71 15.19
N PRO B 234 7.80 6.96 13.89
CA PRO B 234 8.24 8.20 13.27
C PRO B 234 7.33 9.35 13.66
N PRO B 235 7.81 10.61 13.55
CA PRO B 235 6.98 11.80 13.75
C PRO B 235 5.63 11.69 13.05
N LEU B 236 4.62 12.35 13.60
CA LEU B 236 3.30 12.45 12.93
C LEU B 236 2.59 11.11 12.81
N CYS B 237 3.10 10.10 13.49
CA CYS B 237 2.48 8.75 13.46
C CYS B 237 0.99 8.79 13.87
N ASP B 238 0.66 9.84 14.62
N ASP B 238 0.60 9.75 14.69
CA ASP B 238 -0.60 10.01 15.35
CA ASP B 238 -0.74 9.71 15.25
C ASP B 238 -1.70 10.70 14.55
C ASP B 238 -1.85 10.10 14.29
N MET B 239 -1.50 10.84 13.24
CA MET B 239 -2.53 11.43 12.41
C MET B 239 -2.69 10.76 11.06
N HIS B 240 -3.83 11.06 10.43
CA HIS B 240 -4.18 10.48 9.14
C HIS B 240 -3.03 10.69 8.17
N PRO B 241 -2.59 9.60 7.51
CA PRO B 241 -1.45 9.66 6.59
C PRO B 241 -1.63 10.75 5.53
N MET B 242 -2.86 10.96 5.06
CA MET B 242 -3.15 12.10 4.17
C MET B 242 -2.74 13.42 4.81
N ARG B 243 -3.10 13.59 6.07
CA ARG B 243 -2.73 14.79 6.82
C ARG B 243 -1.22 14.90 7.02
N ALA B 244 -0.57 13.79 7.37
CA ALA B 244 0.90 13.80 7.54
C ALA B 244 1.59 14.16 6.23
N LEU B 245 1.11 13.63 5.11
CA LEU B 245 1.65 13.98 3.78
C LEU B 245 1.62 15.49 3.52
N PHE B 246 0.48 16.11 3.85
CA PHE B 246 0.32 17.57 3.75
C PHE B 246 1.29 18.31 4.64
N LEU B 247 1.55 17.75 5.82
CA LEU B 247 2.32 18.43 6.85
C LEU B 247 3.84 18.37 6.69
N ILE B 248 4.34 17.28 6.14
CA ILE B 248 5.78 17.11 6.03
C ILE B 248 6.52 18.26 5.29
N PRO B 249 5.98 18.75 4.15
CA PRO B 249 6.67 19.87 3.50
C PRO B 249 6.45 21.24 4.16
N ARG B 250 5.45 21.33 5.04
N ARG B 250 5.39 21.33 4.97
CA ARG B 250 5.05 22.63 5.63
CA ARG B 250 4.98 22.56 5.65
C ARG B 250 5.47 22.82 7.09
C ARG B 250 5.71 22.74 6.97
N ASN B 251 5.60 21.72 7.82
CA ASN B 251 6.18 21.76 9.19
C ASN B 251 7.67 22.11 9.24
N PRO B 252 8.12 22.76 10.33
CA PRO B 252 9.56 22.86 10.52
C PRO B 252 10.12 21.45 10.72
N PRO B 253 11.44 21.27 10.59
CA PRO B 253 12.03 19.95 10.79
C PRO B 253 11.56 19.29 12.08
N PRO B 254 11.12 18.02 12.02
CA PRO B 254 10.71 17.40 13.29
C PRO B 254 11.89 17.22 14.27
N ARG B 255 11.56 17.08 15.56
CA ARG B 255 12.56 16.93 16.61
C ARG B 255 12.18 15.80 17.57
N LEU B 256 13.17 15.29 18.29
CA LEU B 256 12.96 14.34 19.39
C LEU B 256 12.06 14.96 20.48
N LYS B 257 11.14 14.17 21.03
CA LYS B 257 10.24 14.64 22.07
C LYS B 257 10.95 14.85 23.40
N SER B 258 11.71 13.84 23.82
CA SER B 258 12.43 13.87 25.08
C SER B 258 13.62 14.83 25.11
N LYS B 259 14.02 15.23 26.30
CA LYS B 259 15.21 16.04 26.50
C LYS B 259 16.37 15.19 27.05
N LYS B 260 16.09 13.91 27.33
CA LYS B 260 17.11 13.02 27.89
C LYS B 260 18.32 12.81 26.99
N TRP B 261 18.10 12.83 25.68
CA TRP B 261 19.14 12.52 24.66
C TRP B 261 20.28 13.53 24.70
N SER B 262 21.47 13.10 24.29
CA SER B 262 22.66 13.93 24.36
C SER B 262 22.67 15.03 23.30
N LYS B 263 23.51 16.05 23.52
CA LYS B 263 23.63 17.18 22.62
C LYS B 263 24.05 16.73 21.20
N LYS B 264 24.85 15.66 21.15
CA LYS B 264 25.28 15.09 19.88
C LYS B 264 24.17 14.42 19.07
N PHE B 265 23.23 13.79 19.77
CA PHE B 265 22.10 13.13 19.09
C PHE B 265 21.20 14.17 18.43
N PHE B 266 20.80 15.20 19.19
CA PHE B 266 19.97 16.29 18.65
C PHE B 266 20.58 16.92 17.41
N SER B 267 21.89 17.15 17.47
CA SER B 267 22.64 17.75 16.38
C SER B 267 22.58 16.87 15.13
N PHE B 268 22.78 15.57 15.33
CA PHE B 268 22.64 14.57 14.25
C PHE B 268 21.25 14.58 13.61
N ILE B 269 20.21 14.65 14.43
CA ILE B 269 18.84 14.76 13.93
C ILE B 269 18.66 16.06 13.13
N GLU B 270 19.26 17.13 13.62
CA GLU B 270 19.22 18.42 12.93
C GLU B 270 20.01 18.33 11.62
N GLY B 271 21.11 17.56 11.63
CA GLY B 271 21.91 17.34 10.44
C GLY B 271 21.16 16.66 9.30
N CYS B 272 20.40 15.61 9.62
CA CYS B 272 19.60 14.87 8.63
C CYS B 272 18.37 15.62 8.14
N LEU B 273 17.68 16.29 9.05
CA LEU B 273 16.38 16.81 8.75
C LEU B 273 16.43 18.29 8.35
N VAL B 274 17.32 18.60 7.40
CA VAL B 274 17.33 19.89 6.74
C VAL B 274 16.24 19.78 5.70
N LYS B 275 15.29 20.71 5.75
CA LYS B 275 14.12 20.63 4.90
C LYS B 275 14.42 20.78 3.42
N ASN B 276 15.25 21.75 3.06
CA ASN B 276 15.62 21.94 1.68
C ASN B 276 16.76 21.00 1.34
N TYR B 277 16.49 20.01 0.49
CA TYR B 277 17.48 18.97 0.23
C TYR B 277 18.76 19.54 -0.39
N MET B 278 18.62 20.63 -1.13
CA MET B 278 19.77 21.34 -1.72
C MET B 278 20.80 21.73 -0.65
N GLN B 279 20.36 21.82 0.60
CA GLN B 279 21.23 22.27 1.67
C GLN B 279 21.35 21.28 2.83
N ARG B 280 21.00 20.03 2.53
CA ARG B 280 21.18 18.88 3.43
C ARG B 280 22.59 18.28 3.18
N PRO B 281 23.26 17.79 4.22
CA PRO B 281 24.59 17.21 3.98
C PRO B 281 24.57 15.92 3.15
N SER B 282 25.71 15.57 2.55
CA SER B 282 25.86 14.31 1.86
C SER B 282 26.01 13.22 2.90
N THR B 283 26.03 11.97 2.43
CA THR B 283 26.21 10.80 3.27
C THR B 283 27.60 10.81 3.91
N GLU B 284 28.60 11.22 3.15
CA GLU B 284 29.98 11.32 3.63
C GLU B 284 30.12 12.31 4.78
N GLN B 285 29.63 13.54 4.56
CA GLN B 285 29.61 14.56 5.60
C GLN B 285 28.93 14.04 6.85
N LEU B 286 27.84 13.31 6.69
CA LEU B 286 27.10 12.78 7.83
C LEU B 286 27.81 11.62 8.53
N LEU B 287 28.67 10.90 7.80
CA LEU B 287 29.47 9.84 8.42
C LEU B 287 30.49 10.42 9.39
N LYS B 288 30.89 11.67 9.13
CA LYS B 288 31.81 12.42 9.99
C LYS B 288 31.12 13.14 11.16
N HIS B 289 29.80 12.97 11.30
CA HIS B 289 29.13 13.60 12.43
C HIS B 289 29.49 12.92 13.75
N PRO B 290 30.04 13.69 14.71
CA PRO B 290 30.44 13.21 16.04
C PRO B 290 29.58 12.07 16.60
N PHE B 291 28.25 12.19 16.46
CA PHE B 291 27.32 11.17 16.93
C PHE B 291 27.53 9.82 16.25
N ILE B 292 28.04 9.86 15.03
CA ILE B 292 28.30 8.66 14.24
C ILE B 292 29.77 8.28 14.28
N ARG B 293 30.63 9.29 14.18
CA ARG B 293 32.08 9.09 14.18
C ARG B 293 32.58 8.54 15.53
N ASP B 294 32.16 9.15 16.64
CA ASP B 294 32.66 8.82 17.97
C ASP B 294 31.82 7.76 18.68
N GLN B 295 32.22 6.49 18.55
CA GLN B 295 31.47 5.44 19.24
C GLN B 295 32.32 4.63 20.21
N PRO B 296 32.60 5.22 21.40
CA PRO B 296 33.50 4.60 22.39
C PRO B 296 33.12 3.16 22.73
N ASN B 297 31.83 2.94 22.95
CA ASN B 297 31.31 1.65 23.40
C ASN B 297 30.89 0.73 22.25
N GLU B 298 31.51 0.90 21.08
CA GLU B 298 31.11 0.10 19.91
C GLU B 298 31.09 -1.41 20.20
N ARG B 299 32.23 -1.97 20.58
CA ARG B 299 32.34 -3.42 20.86
C ARG B 299 31.26 -3.87 21.83
N GLN B 300 31.08 -3.09 22.89
CA GLN B 300 30.10 -3.39 23.94
C GLN B 300 28.66 -3.49 23.43
N VAL B 301 28.26 -2.60 22.52
CA VAL B 301 26.88 -2.64 22.00
C VAL B 301 26.67 -3.77 20.98
N ARG B 302 27.71 -4.09 20.20
CA ARG B 302 27.68 -5.22 19.28
C ARG B 302 27.30 -6.51 20.03
N ILE B 303 27.95 -6.76 21.16
CA ILE B 303 27.61 -7.92 21.99
C ILE B 303 26.24 -7.75 22.65
N GLN B 304 25.93 -6.54 23.13
CA GLN B 304 24.60 -6.26 23.66
C GLN B 304 23.50 -6.60 22.67
N LEU B 305 23.74 -6.31 21.38
CA LEU B 305 22.84 -6.69 20.29
C LEU B 305 22.80 -8.20 20.08
N LYS B 306 23.98 -8.80 19.97
CA LYS B 306 24.13 -10.25 19.86
C LYS B 306 23.29 -10.91 20.95
N ASP B 307 23.52 -10.47 22.19
CA ASP B 307 22.75 -10.93 23.34
C ASP B 307 21.24 -10.86 23.10
N HIS B 308 20.76 -9.69 22.71
CA HIS B 308 19.32 -9.45 22.53
C HIS B 308 18.69 -10.43 21.53
N ILE B 309 19.36 -10.65 20.40
CA ILE B 309 18.85 -11.54 19.36
C ILE B 309 18.72 -12.99 19.85
N ASP B 310 19.70 -13.43 20.63
CA ASP B 310 19.72 -14.77 21.22
C ASP B 310 18.53 -14.97 22.14
N ARG B 311 18.39 -14.09 23.14
CA ARG B 311 17.27 -14.14 24.08
C ARG B 311 15.90 -14.17 23.40
N THR B 312 15.77 -13.43 22.30
CA THR B 312 14.47 -13.26 21.66
C THR B 312 13.97 -14.55 21.00
N ARG B 313 14.85 -15.27 20.32
CA ARG B 313 14.46 -16.55 19.72
C ARG B 313 14.21 -17.64 20.77
N LYS B 314 14.36 -17.27 22.05
CA LYS B 314 14.11 -18.14 23.22
C LYS B 314 15.27 -19.08 23.49
#